data_8SH0
#
_entry.id   8SH0
#
_cell.length_a   67.230
_cell.length_b   67.230
_cell.length_c   143.373
_cell.angle_alpha   90.000
_cell.angle_beta   90.000
_cell.angle_gamma   120.000
#
_symmetry.space_group_name_H-M   'P 32 2 1'
#
loop_
_entity.id
_entity.type
_entity.pdbx_description
1 polymer 'Protection of telomeres protein 1'
2 polymer "DNA (5'-D(P*CP*CP*AP*GP*CP*AP*GP*GP*GP*GP*TP*TP*AP*GP*GP*GP*TP*TP*AP*G)-3')"
3 non-polymer 'ACETATE ION'
4 water water
#
loop_
_entity_poly.entity_id
_entity_poly.type
_entity_poly.pdbx_seq_one_letter_code
_entity_poly.pdbx_strand_id
1 'polypeptide(L)'
;SMSLVPATNYIYTPLNQLKGGTIVNVYGVVKFFKPPYLSKGTDYCSVVTIVDQTNVKLTCLLFSGNYEALPIIYKNGDIV
RFHRLKIQVYKKETQGITSSGFASLTFEGTLGAPIIPRTSSKYFNFTTEDHKMVEALRVWASTHMSPSWTLLKLCDVQPM
QYFDLTCQLLGKAEVDGASFLLKVWDGTRTPFPSWRVLIQDLVLEGDLSHIHRLQNLTIDILVYDNHVHVARSLKVGSFL
RIYSLHTKLQSMNSENQTMLSLEFHLHGGTSYGRGIRVLPESNSDVDQLKKDLESANLTA
;
A
2 'polydeoxyribonucleotide' (DC)(DC)(DA)(DG)(DC)(DA)(DG)(DG)(DG)(DG)(DT)(DT)(DA)(DG)(DG)(DG)(DT)(DT)(DA)(DG) B
#
# COMPACT_ATOMS: atom_id res chain seq x y z
N ALA A 7 -23.09 -27.68 -3.46
CA ALA A 7 -22.76 -27.71 -4.88
C ALA A 7 -21.25 -27.68 -5.09
N THR A 8 -20.72 -26.48 -5.36
CA THR A 8 -19.29 -26.31 -5.61
C THR A 8 -18.53 -26.38 -4.29
N ASN A 9 -17.46 -27.19 -4.26
CA ASN A 9 -16.61 -27.33 -3.09
C ASN A 9 -15.16 -27.12 -3.53
N TYR A 10 -14.65 -25.91 -3.37
CA TYR A 10 -13.27 -25.61 -3.74
C TYR A 10 -12.30 -26.32 -2.80
N ILE A 11 -11.24 -26.87 -3.39
CA ILE A 11 -10.17 -27.52 -2.63
C ILE A 11 -9.01 -26.56 -2.54
N TYR A 12 -8.46 -26.39 -1.33
CA TYR A 12 -7.37 -25.46 -1.08
C TYR A 12 -6.10 -26.23 -0.77
N THR A 13 -5.05 -25.92 -1.50
CA THR A 13 -3.79 -26.65 -1.41
C THR A 13 -2.85 -25.94 -0.46
N PRO A 14 -2.36 -26.63 0.58
CA PRO A 14 -1.34 -26.03 1.46
C PRO A 14 -0.10 -25.66 0.65
N LEU A 15 0.51 -24.54 1.03
CA LEU A 15 1.61 -23.98 0.26
C LEU A 15 2.82 -24.89 0.18
N ASN A 16 2.93 -25.88 1.07
CA ASN A 16 4.02 -26.84 1.01
C ASN A 16 3.67 -28.07 0.17
N GLN A 17 2.48 -28.11 -0.43
CA GLN A 17 2.07 -29.21 -1.30
C GLN A 17 1.90 -28.78 -2.75
N LEU A 18 2.32 -27.57 -3.09
CA LEU A 18 2.12 -27.05 -4.43
C LEU A 18 3.05 -27.74 -5.42
N LYS A 19 2.48 -28.22 -6.53
CA LYS A 19 3.23 -28.89 -7.58
C LYS A 19 3.17 -28.06 -8.86
N GLY A 20 4.28 -28.03 -9.58
CA GLY A 20 4.32 -27.30 -10.83
C GLY A 20 3.48 -27.98 -11.90
N GLY A 21 2.84 -27.18 -12.74
CA GLY A 21 1.99 -27.70 -13.78
C GLY A 21 0.55 -27.93 -13.38
N THR A 22 0.11 -27.34 -12.28
CA THR A 22 -1.27 -27.47 -11.82
C THR A 22 -1.90 -26.09 -11.67
N ILE A 23 -3.22 -26.09 -11.51
CA ILE A 23 -4.01 -24.90 -11.23
C ILE A 23 -4.69 -25.14 -9.89
N VAL A 24 -4.50 -24.23 -8.94
CA VAL A 24 -4.88 -24.48 -7.55
C VAL A 24 -5.61 -23.27 -6.98
N ASN A 25 -6.14 -23.47 -5.77
CA ASN A 25 -6.68 -22.41 -4.93
C ASN A 25 -5.91 -22.40 -3.63
N VAL A 26 -5.54 -21.21 -3.15
CA VAL A 26 -4.70 -21.11 -1.97
C VAL A 26 -5.20 -20.05 -1.02
N TYR A 27 -4.90 -20.23 0.26
CA TYR A 27 -5.03 -19.22 1.29
C TYR A 27 -3.63 -18.76 1.71
N GLY A 28 -3.53 -17.51 2.16
CA GLY A 28 -2.22 -17.07 2.59
C GLY A 28 -2.28 -15.76 3.33
N VAL A 29 -1.18 -15.45 4.01
CA VAL A 29 -0.95 -14.17 4.64
C VAL A 29 0.10 -13.45 3.80
N VAL A 30 -0.13 -12.16 3.55
CA VAL A 30 0.79 -11.37 2.73
C VAL A 30 2.04 -11.05 3.53
N LYS A 31 3.19 -11.52 3.05
CA LYS A 31 4.48 -11.12 3.58
C LYS A 31 5.04 -9.90 2.85
N PHE A 32 4.76 -9.80 1.55
CA PHE A 32 5.21 -8.69 0.74
C PHE A 32 4.26 -8.53 -0.44
N PHE A 33 4.14 -7.29 -0.92
CA PHE A 33 3.37 -7.06 -2.14
C PHE A 33 3.84 -5.80 -2.84
N LYS A 34 3.75 -5.82 -4.17
CA LYS A 34 3.78 -4.62 -4.98
C LYS A 34 2.35 -4.26 -5.34
N PRO A 35 1.87 -3.06 -5.01
CA PRO A 35 0.55 -2.65 -5.47
C PRO A 35 0.53 -2.61 -6.99
N PRO A 36 -0.66 -2.72 -7.61
CA PRO A 36 -0.72 -2.82 -9.08
C PRO A 36 -0.06 -1.63 -9.75
N TYR A 37 0.82 -1.93 -10.70
CA TYR A 37 1.50 -0.91 -11.48
C TYR A 37 1.38 -1.24 -12.97
N LEU A 38 1.52 -0.20 -13.79
CA LEU A 38 1.48 -0.36 -15.24
C LEU A 38 2.74 -1.09 -15.70
N SER A 39 2.57 -2.29 -16.22
CA SER A 39 3.71 -3.03 -16.76
C SER A 39 4.09 -2.46 -18.12
N LYS A 40 5.14 -3.01 -18.71
CA LYS A 40 5.52 -2.67 -20.07
C LYS A 40 4.65 -3.36 -21.11
N GLY A 41 3.75 -4.24 -20.69
CA GLY A 41 2.77 -4.85 -21.55
C GLY A 41 1.44 -4.12 -21.50
N THR A 42 0.36 -4.86 -21.77
CA THR A 42 -0.97 -4.25 -21.80
C THR A 42 -1.63 -4.19 -20.43
N ASP A 43 -1.10 -4.87 -19.42
CA ASP A 43 -1.82 -5.04 -18.16
C ASP A 43 -1.13 -4.35 -17.00
N TYR A 44 -1.93 -4.08 -15.97
CA TYR A 44 -1.41 -3.89 -14.62
C TYR A 44 -0.82 -5.20 -14.12
N CYS A 45 0.20 -5.07 -13.27
CA CYS A 45 0.85 -6.22 -12.65
C CYS A 45 0.92 -6.00 -11.15
N SER A 46 0.71 -7.09 -10.41
CA SER A 46 0.88 -7.08 -8.96
C SER A 46 1.67 -8.30 -8.56
N VAL A 47 2.67 -8.11 -7.70
CA VAL A 47 3.49 -9.19 -7.16
C VAL A 47 3.13 -9.36 -5.70
N VAL A 48 2.82 -10.59 -5.30
CA VAL A 48 2.38 -10.87 -3.93
C VAL A 48 3.07 -12.12 -3.43
N THR A 49 3.80 -12.01 -2.32
CA THR A 49 4.39 -13.17 -1.68
C THR A 49 3.55 -13.52 -0.45
N ILE A 50 3.10 -14.77 -0.37
CA ILE A 50 2.19 -15.22 0.68
C ILE A 50 2.85 -16.36 1.44
N VAL A 51 2.32 -16.62 2.64
CA VAL A 51 2.84 -17.67 3.50
C VAL A 51 1.67 -18.20 4.32
N ASP A 52 1.75 -19.47 4.74
CA ASP A 52 0.70 -20.07 5.56
C ASP A 52 1.34 -20.77 6.74
N GLN A 53 0.59 -21.66 7.38
CA GLN A 53 1.07 -22.33 8.59
C GLN A 53 2.26 -23.25 8.34
N THR A 54 2.51 -23.63 7.08
CA THR A 54 3.63 -24.52 6.78
C THR A 54 4.97 -23.79 6.72
N ASN A 55 4.97 -22.47 6.89
CA ASN A 55 6.12 -21.56 6.76
C ASN A 55 6.70 -21.52 5.35
N VAL A 56 6.14 -22.24 4.39
CA VAL A 56 6.62 -22.16 3.02
C VAL A 56 5.98 -20.95 2.34
N LYS A 57 6.79 -20.17 1.64
CA LYS A 57 6.30 -18.98 0.98
C LYS A 57 6.08 -19.25 -0.52
N LEU A 58 5.21 -18.43 -1.12
CA LEU A 58 4.91 -18.51 -2.54
C LEU A 58 4.80 -17.10 -3.11
N THR A 59 5.61 -16.80 -4.11
CA THR A 59 5.50 -15.52 -4.82
C THR A 59 4.57 -15.70 -6.02
N CYS A 60 3.66 -14.75 -6.19
CA CYS A 60 2.61 -14.79 -7.19
C CYS A 60 2.74 -13.56 -8.08
N LEU A 61 2.70 -13.79 -9.39
CA LEU A 61 2.81 -12.77 -10.42
C LEU A 61 1.46 -12.67 -11.10
N LEU A 62 0.75 -11.56 -10.92
CA LEU A 62 -0.64 -11.44 -11.29
C LEU A 62 -0.83 -10.30 -12.28
N PHE A 63 -1.58 -10.55 -13.34
CA PHE A 63 -1.76 -9.58 -14.41
C PHE A 63 -3.24 -9.36 -14.65
N SER A 64 -3.61 -8.11 -14.93
CA SER A 64 -4.99 -7.84 -15.28
C SER A 64 -5.10 -6.47 -15.93
N GLY A 65 -6.03 -6.36 -16.87
CA GLY A 65 -6.39 -5.06 -17.42
C GLY A 65 -7.25 -4.22 -16.49
N ASN A 66 -7.82 -4.81 -15.45
CA ASN A 66 -8.64 -4.11 -14.47
C ASN A 66 -7.84 -3.97 -13.17
N TYR A 67 -7.53 -2.73 -12.80
CA TYR A 67 -6.77 -2.46 -11.58
C TYR A 67 -7.38 -3.15 -10.36
N GLU A 68 -8.70 -3.09 -10.21
CA GLU A 68 -9.33 -3.64 -9.01
C GLU A 68 -9.47 -5.16 -9.06
N ALA A 69 -9.30 -5.79 -10.23
CA ALA A 69 -9.36 -7.23 -10.31
C ALA A 69 -8.13 -7.89 -9.69
N LEU A 70 -7.04 -7.15 -9.53
CA LEU A 70 -5.88 -7.65 -8.83
C LEU A 70 -6.14 -7.65 -7.33
N PRO A 71 -5.38 -8.43 -6.55
CA PRO A 71 -5.67 -8.53 -5.11
C PRO A 71 -5.73 -7.17 -4.44
N ILE A 72 -6.79 -6.95 -3.67
CA ILE A 72 -7.00 -5.67 -2.99
C ILE A 72 -6.26 -5.79 -1.66
N ILE A 73 -4.97 -5.48 -1.70
CA ILE A 73 -4.08 -5.60 -0.54
C ILE A 73 -3.66 -4.20 -0.12
N TYR A 74 -3.82 -3.89 1.16
CA TYR A 74 -3.45 -2.58 1.66
C TYR A 74 -2.22 -2.58 2.57
N LYS A 75 -1.89 -3.72 3.18
CA LYS A 75 -0.72 -3.78 4.04
C LYS A 75 -0.33 -5.24 4.25
N ASN A 76 0.93 -5.45 4.59
CA ASN A 76 1.40 -6.78 4.96
C ASN A 76 0.59 -7.28 6.14
N GLY A 77 0.34 -8.59 6.17
CA GLY A 77 -0.53 -9.17 7.17
C GLY A 77 -1.98 -9.31 6.74
N ASP A 78 -2.36 -8.68 5.62
CA ASP A 78 -3.65 -8.97 5.01
C ASP A 78 -3.73 -10.45 4.66
N ILE A 79 -4.94 -11.00 4.72
CA ILE A 79 -5.19 -12.38 4.34
C ILE A 79 -5.70 -12.38 2.91
N VAL A 80 -5.24 -13.33 2.10
CA VAL A 80 -5.70 -13.48 0.72
C VAL A 80 -6.19 -14.89 0.51
N ARG A 81 -7.16 -15.01 -0.40
CA ARG A 81 -7.60 -16.27 -0.95
C ARG A 81 -7.62 -16.15 -2.47
N PHE A 82 -6.95 -17.08 -3.15
CA PHE A 82 -6.80 -17.06 -4.59
C PHE A 82 -7.46 -18.29 -5.19
N HIS A 83 -8.26 -18.08 -6.23
CA HIS A 83 -8.85 -19.14 -7.02
C HIS A 83 -8.26 -19.13 -8.42
N ARG A 84 -7.97 -20.34 -8.92
CA ARG A 84 -7.45 -20.57 -10.27
C ARG A 84 -6.11 -19.85 -10.48
N LEU A 85 -5.17 -20.17 -9.60
CA LEU A 85 -3.80 -19.70 -9.68
C LEU A 85 -2.95 -20.82 -10.27
N LYS A 86 -2.26 -20.54 -11.38
CA LYS A 86 -1.40 -21.55 -11.99
C LYS A 86 -0.08 -21.61 -11.25
N ILE A 87 0.39 -22.81 -10.95
CA ILE A 87 1.69 -23.03 -10.33
C ILE A 87 2.64 -23.53 -11.41
N GLN A 88 3.78 -22.88 -11.53
CA GLN A 88 4.80 -23.28 -12.50
C GLN A 88 6.18 -23.07 -11.89
N VAL A 89 7.20 -23.43 -12.65
CA VAL A 89 8.59 -23.27 -12.24
C VAL A 89 9.23 -22.26 -13.19
N TYR A 90 9.66 -21.14 -12.64
CA TYR A 90 10.44 -20.16 -13.38
C TYR A 90 11.81 -20.05 -12.73
N LYS A 91 12.86 -20.12 -13.55
CA LYS A 91 14.25 -20.10 -13.10
C LYS A 91 14.46 -20.98 -11.86
N LYS A 92 14.00 -22.22 -11.99
CA LYS A 92 14.21 -23.25 -10.96
C LYS A 92 13.57 -22.86 -9.62
N GLU A 93 12.53 -22.05 -9.65
CA GLU A 93 11.83 -21.66 -8.43
C GLU A 93 10.33 -21.70 -8.64
N THR A 94 9.60 -22.10 -7.61
CA THR A 94 8.14 -22.18 -7.68
C THR A 94 7.54 -20.78 -7.79
N GLN A 95 6.55 -20.64 -8.67
CA GLN A 95 5.95 -19.35 -8.96
C GLN A 95 4.47 -19.52 -9.23
N GLY A 96 3.65 -18.67 -8.61
CA GLY A 96 2.24 -18.60 -8.93
C GLY A 96 1.99 -17.50 -9.94
N ILE A 97 1.09 -17.77 -10.89
CA ILE A 97 0.80 -16.82 -11.95
C ILE A 97 -0.68 -16.85 -12.28
N THR A 98 -1.17 -15.74 -12.82
CA THR A 98 -2.55 -15.63 -13.24
C THR A 98 -2.90 -16.75 -14.23
N SER A 99 -4.06 -17.34 -14.03
CA SER A 99 -4.67 -18.28 -14.96
C SER A 99 -6.04 -17.75 -15.33
N SER A 100 -6.64 -18.32 -16.38
CA SER A 100 -7.95 -17.86 -16.83
C SER A 100 -8.95 -17.96 -15.69
N GLY A 101 -9.67 -16.86 -15.45
CA GLY A 101 -10.64 -16.83 -14.38
C GLY A 101 -10.09 -16.62 -12.99
N PHE A 102 -8.81 -16.27 -12.87
CA PHE A 102 -8.21 -15.98 -11.57
C PHE A 102 -9.13 -15.07 -10.75
N ALA A 103 -9.26 -15.37 -9.46
CA ALA A 103 -10.13 -14.56 -8.61
C ALA A 103 -9.49 -14.40 -7.24
N SER A 104 -9.65 -13.21 -6.66
CA SER A 104 -9.03 -12.85 -5.40
C SER A 104 -10.07 -12.40 -4.39
N LEU A 105 -9.91 -12.85 -3.15
CA LEU A 105 -10.57 -12.27 -1.99
C LEU A 105 -9.49 -11.84 -1.01
N THR A 106 -9.67 -10.70 -0.34
CA THR A 106 -8.72 -10.29 0.69
C THR A 106 -9.47 -9.81 1.92
N PHE A 107 -8.79 -9.88 3.06
CA PHE A 107 -9.37 -9.61 4.36
C PHE A 107 -8.36 -8.91 5.25
N GLU A 108 -8.87 -8.06 6.16
CA GLU A 108 -8.06 -7.55 7.24
C GLU A 108 -7.47 -8.71 8.05
N GLY A 109 -6.24 -8.53 8.50
CA GLY A 109 -5.57 -9.53 9.32
C GLY A 109 -5.70 -9.35 10.81
N THR A 110 -6.31 -8.26 11.26
CA THR A 110 -6.36 -7.94 12.69
C THR A 110 -7.36 -8.85 13.41
N LEU A 111 -6.92 -9.41 14.54
CA LEU A 111 -7.74 -10.35 15.29
C LEU A 111 -9.02 -9.69 15.79
N GLY A 112 -10.11 -10.45 15.78
CA GLY A 112 -11.40 -9.97 16.23
C GLY A 112 -12.14 -9.08 15.25
N ALA A 113 -11.47 -8.58 14.22
CA ALA A 113 -12.15 -7.75 13.23
C ALA A 113 -13.15 -8.59 12.44
N PRO A 114 -14.23 -7.98 11.94
CA PRO A 114 -15.16 -8.71 11.09
C PRO A 114 -14.47 -9.26 9.85
N ILE A 115 -14.98 -10.38 9.35
CA ILE A 115 -14.43 -11.04 8.17
C ILE A 115 -15.24 -10.54 6.98
N ILE A 116 -14.72 -9.51 6.32
CA ILE A 116 -15.41 -8.87 5.21
C ILE A 116 -14.55 -9.01 3.97
N PRO A 117 -14.96 -9.82 2.99
CA PRO A 117 -14.15 -10.01 1.79
C PRO A 117 -14.02 -8.73 0.99
N ARG A 118 -12.81 -8.47 0.51
CA ARG A 118 -12.55 -7.36 -0.39
C ARG A 118 -12.24 -7.92 -1.77
N THR A 119 -13.09 -7.62 -2.75
CA THR A 119 -12.94 -8.18 -4.08
C THR A 119 -13.68 -7.32 -5.09
N SER A 120 -13.25 -7.44 -6.34
CA SER A 120 -14.00 -6.85 -7.46
C SER A 120 -15.00 -7.83 -8.07
N SER A 121 -14.92 -9.12 -7.72
CA SER A 121 -15.84 -10.10 -8.27
C SER A 121 -17.27 -9.74 -7.91
N LYS A 122 -18.16 -9.83 -8.91
CA LYS A 122 -19.58 -9.64 -8.66
C LYS A 122 -20.11 -10.73 -7.72
N TYR A 123 -19.74 -11.98 -8.00
CA TYR A 123 -20.14 -13.12 -7.19
C TYR A 123 -18.91 -13.92 -6.81
N PHE A 124 -18.92 -14.48 -5.61
CA PHE A 124 -17.82 -15.33 -5.17
C PHE A 124 -18.36 -16.38 -4.23
N ASN A 125 -17.63 -17.48 -4.14
CA ASN A 125 -18.02 -18.57 -3.25
C ASN A 125 -17.40 -18.35 -1.89
N PHE A 126 -18.20 -18.47 -0.84
CA PHE A 126 -17.70 -18.28 0.52
C PHE A 126 -18.57 -19.07 1.49
N THR A 127 -17.95 -19.97 2.23
CA THR A 127 -18.63 -20.88 3.15
C THR A 127 -18.19 -20.60 4.58
N THR A 128 -18.83 -21.31 5.52
CA THR A 128 -18.43 -21.20 6.93
C THR A 128 -16.98 -21.66 7.12
N GLU A 129 -16.56 -22.68 6.36
CA GLU A 129 -15.18 -23.14 6.43
C GLU A 129 -14.20 -22.03 6.02
N ASP A 130 -14.58 -21.21 5.04
CA ASP A 130 -13.72 -20.10 4.62
C ASP A 130 -13.54 -19.10 5.76
N HIS A 131 -14.65 -18.76 6.43
CA HIS A 131 -14.61 -17.90 7.61
C HIS A 131 -13.65 -18.46 8.66
N LYS A 132 -13.75 -19.76 8.93
CA LYS A 132 -12.87 -20.39 9.91
C LYS A 132 -11.41 -20.31 9.48
N MET A 133 -11.13 -20.57 8.20
CA MET A 133 -9.74 -20.55 7.73
C MET A 133 -9.15 -19.15 7.82
N VAL A 134 -9.96 -18.13 7.54
CA VAL A 134 -9.48 -16.76 7.70
C VAL A 134 -9.14 -16.48 9.16
N GLU A 135 -10.02 -16.89 10.08
CA GLU A 135 -9.73 -16.73 11.51
C GLU A 135 -8.41 -17.41 11.88
N ALA A 136 -8.21 -18.64 11.41
CA ALA A 136 -7.02 -19.40 11.78
C ALA A 136 -5.76 -18.73 11.26
N LEU A 137 -5.80 -18.22 10.02
CA LEU A 137 -4.63 -17.51 9.49
C LEU A 137 -4.38 -16.23 10.28
N ARG A 138 -5.44 -15.56 10.73
CA ARG A 138 -5.26 -14.37 11.58
C ARG A 138 -4.49 -14.71 12.85
N VAL A 139 -4.94 -15.75 13.56
CA VAL A 139 -4.27 -16.12 14.81
C VAL A 139 -2.83 -16.54 14.55
N TRP A 140 -2.62 -17.35 13.50
CA TRP A 140 -1.28 -17.81 13.18
C TRP A 140 -0.36 -16.64 12.87
N ALA A 141 -0.84 -15.66 12.11
CA ALA A 141 -0.03 -14.48 11.80
C ALA A 141 0.26 -13.67 13.04
N SER A 142 -0.70 -13.58 13.96
CA SER A 142 -0.45 -12.88 15.21
C SER A 142 0.67 -13.53 16.01
N THR A 143 0.80 -14.86 15.94
CA THR A 143 1.82 -15.53 16.73
C THR A 143 3.09 -15.88 15.96
N HIS A 144 3.14 -15.66 14.65
CA HIS A 144 4.29 -16.09 13.86
C HIS A 144 4.94 -15.02 13.02
N MET A 145 4.33 -13.84 12.88
CA MET A 145 4.91 -12.77 12.08
C MET A 145 5.01 -11.52 12.94
N SER A 146 6.16 -10.85 12.86
CA SER A 146 6.34 -9.62 13.62
C SER A 146 5.51 -8.50 13.00
N PRO A 147 4.79 -7.71 13.79
CA PRO A 147 4.07 -6.57 13.22
C PRO A 147 5.04 -5.59 12.59
N SER A 148 4.62 -4.98 11.49
CA SER A 148 5.50 -4.12 10.72
C SER A 148 5.86 -2.87 11.51
N TRP A 149 7.15 -2.59 11.62
CA TRP A 149 7.64 -1.36 12.22
C TRP A 149 7.68 -0.21 11.22
N THR A 150 7.17 -0.41 10.02
CA THR A 150 7.23 0.59 8.96
C THR A 150 6.01 1.50 8.93
N LEU A 151 4.85 1.03 9.39
CA LEU A 151 3.67 1.89 9.48
C LEU A 151 3.81 2.89 10.61
N LEU A 152 4.34 4.07 10.31
CA LEU A 152 4.64 5.09 11.30
C LEU A 152 3.85 6.36 11.01
N LYS A 153 3.36 7.00 12.07
CA LYS A 153 2.82 8.34 11.92
C LYS A 153 3.97 9.33 11.70
N LEU A 154 3.62 10.51 11.21
CA LEU A 154 4.64 11.49 10.86
C LEU A 154 5.46 11.90 12.07
N CYS A 155 4.86 11.92 13.26
CA CYS A 155 5.62 12.28 14.45
C CYS A 155 6.62 11.20 14.87
N ASP A 156 6.52 10.00 14.32
CA ASP A 156 7.41 8.89 14.69
C ASP A 156 8.48 8.60 13.66
N VAL A 157 8.54 9.38 12.57
CA VAL A 157 9.52 9.09 11.53
C VAL A 157 10.90 9.53 11.98
N GLN A 158 11.91 8.80 11.50
CA GLN A 158 13.30 9.18 11.70
C GLN A 158 13.96 9.42 10.34
N PRO A 159 14.99 10.26 10.29
CA PRO A 159 15.67 10.50 9.02
C PRO A 159 16.42 9.27 8.53
N MET A 160 16.67 9.25 7.21
CA MET A 160 17.38 8.17 6.54
C MET A 160 16.68 6.83 6.74
N GLN A 161 15.38 6.80 6.52
CA GLN A 161 14.62 5.57 6.70
C GLN A 161 13.51 5.48 5.66
N TYR A 162 13.10 4.24 5.40
CA TYR A 162 11.96 3.93 4.57
C TYR A 162 10.77 3.56 5.46
N PHE A 163 9.60 4.05 5.09
CA PHE A 163 8.42 3.76 5.90
C PHE A 163 7.18 3.92 5.05
N ASP A 164 6.08 3.36 5.54
CA ASP A 164 4.78 3.43 4.88
C ASP A 164 3.92 4.45 5.61
N LEU A 165 3.25 5.30 4.84
CA LEU A 165 2.53 6.44 5.40
C LEU A 165 1.05 6.35 5.04
N THR A 166 0.20 6.32 6.05
CA THR A 166 -1.25 6.48 5.87
C THR A 166 -1.57 7.96 6.08
N CYS A 167 -2.21 8.58 5.09
CA CYS A 167 -2.34 10.03 5.10
C CYS A 167 -3.56 10.46 4.29
N GLN A 168 -3.80 11.76 4.29
CA GLN A 168 -4.79 12.39 3.42
C GLN A 168 -4.08 13.37 2.49
N LEU A 169 -4.51 13.37 1.23
CA LEU A 169 -3.98 14.25 0.21
C LEU A 169 -4.66 15.61 0.25
N LEU A 170 -3.87 16.68 0.32
CA LEU A 170 -4.37 18.04 0.34
C LEU A 170 -4.02 18.83 -0.91
N GLY A 171 -2.96 18.48 -1.63
CA GLY A 171 -2.53 19.29 -2.75
C GLY A 171 -1.71 18.49 -3.74
N LYS A 172 -1.74 18.94 -5.00
CA LYS A 172 -1.01 18.33 -6.09
C LYS A 172 -0.36 19.43 -6.92
N ALA A 173 0.77 19.12 -7.55
CA ALA A 173 1.43 20.09 -8.41
C ALA A 173 2.43 19.41 -9.33
N GLU A 174 2.45 19.84 -10.58
CA GLU A 174 3.49 19.46 -11.51
C GLU A 174 4.82 20.10 -11.11
N VAL A 175 5.91 19.46 -11.52
CA VAL A 175 7.26 19.96 -11.22
C VAL A 175 8.09 20.04 -12.49
N ASP A 176 8.73 18.93 -12.87
CA ASP A 176 9.59 18.92 -14.05
C ASP A 176 9.29 17.73 -14.96
N GLY A 177 8.09 17.16 -14.86
CA GLY A 177 7.74 16.04 -15.72
C GLY A 177 8.25 14.71 -15.21
N ALA A 178 9.52 14.67 -14.77
CA ALA A 178 10.06 13.46 -14.18
C ALA A 178 9.68 13.29 -12.72
N SER A 179 9.12 14.32 -12.09
CA SER A 179 8.70 14.26 -10.70
C SER A 179 7.40 15.04 -10.53
N PHE A 180 6.75 14.80 -9.39
CA PHE A 180 5.42 15.32 -9.14
C PHE A 180 5.25 15.50 -7.64
N LEU A 181 4.58 16.58 -7.23
CA LEU A 181 4.46 16.96 -5.83
C LEU A 181 3.11 16.56 -5.28
N LEU A 182 3.10 15.92 -4.12
CA LEU A 182 1.90 15.65 -3.33
C LEU A 182 2.08 16.28 -1.96
N LYS A 183 1.11 17.10 -1.54
CA LYS A 183 1.07 17.61 -0.18
C LYS A 183 0.12 16.73 0.62
N VAL A 184 0.60 16.12 1.69
CA VAL A 184 -0.23 15.21 2.48
C VAL A 184 -0.06 15.52 3.96
N TRP A 185 -1.00 15.00 4.76
CA TRP A 185 -0.87 15.12 6.21
C TRP A 185 -1.53 13.92 6.88
N ASP A 186 -1.22 13.74 8.18
CA ASP A 186 -1.90 12.74 8.98
C ASP A 186 -2.32 13.26 10.35
N GLY A 187 -2.24 14.56 10.59
CA GLY A 187 -2.62 15.12 11.87
C GLY A 187 -1.49 15.25 12.87
N THR A 188 -0.35 14.61 12.64
CA THR A 188 0.79 14.70 13.54
C THR A 188 1.90 15.50 12.89
N ARG A 189 2.75 16.10 13.72
CA ARG A 189 3.80 17.00 13.26
C ARG A 189 5.14 16.26 13.23
N THR A 190 5.84 16.38 12.12
CA THR A 190 7.13 15.73 11.97
C THR A 190 8.13 16.27 12.99
N PRO A 191 9.10 15.45 13.40
CA PRO A 191 10.12 15.95 14.35
C PRO A 191 10.92 17.11 13.81
N PHE A 192 11.11 17.18 12.49
CA PHE A 192 11.75 18.30 11.83
C PHE A 192 10.81 18.86 10.77
N PRO A 193 10.88 20.16 10.48
CA PRO A 193 9.96 20.74 9.49
C PRO A 193 10.18 20.12 8.11
N SER A 194 9.08 19.83 7.44
CA SER A 194 9.15 19.27 6.09
C SER A 194 9.86 20.24 5.16
N TRP A 195 10.55 19.67 4.16
CA TRP A 195 11.06 20.50 3.09
C TRP A 195 9.89 21.04 2.26
N ARG A 196 10.16 22.09 1.50
CA ARG A 196 9.19 22.64 0.56
C ARG A 196 9.80 22.60 -0.82
N VAL A 197 9.24 21.75 -1.70
CA VAL A 197 9.73 21.62 -3.06
C VAL A 197 9.42 22.89 -3.84
N LEU A 198 10.32 23.25 -4.76
CA LEU A 198 10.15 24.44 -5.58
C LEU A 198 9.21 24.15 -6.75
N ILE A 199 8.05 24.82 -6.75
CA ILE A 199 7.06 24.68 -7.81
C ILE A 199 6.40 26.04 -8.03
N GLN A 200 5.68 26.15 -9.14
CA GLN A 200 4.95 27.38 -9.45
C GLN A 200 3.62 27.40 -8.70
N ASP A 201 3.32 28.55 -8.10
CA ASP A 201 2.17 28.64 -7.19
C ASP A 201 0.85 28.39 -7.92
N LEU A 202 0.74 28.87 -9.16
CA LEU A 202 -0.49 28.66 -9.93
C LEU A 202 -0.78 27.19 -10.15
N VAL A 203 0.25 26.33 -10.09
CA VAL A 203 0.05 24.91 -10.37
C VAL A 203 -0.69 24.22 -9.23
N LEU A 204 -0.55 24.71 -7.99
CA LEU A 204 -1.02 23.98 -6.81
C LEU A 204 -2.51 23.70 -6.87
N GLU A 205 -2.86 22.44 -7.05
CA GLU A 205 -4.25 22.00 -7.13
C GLU A 205 -4.74 21.62 -5.74
N GLY A 206 -5.88 22.18 -5.35
CA GLY A 206 -6.42 21.94 -4.02
C GLY A 206 -7.00 23.19 -3.38
N ASP A 207 -7.50 23.06 -2.14
CA ASP A 207 -8.09 24.19 -1.42
C ASP A 207 -6.97 25.00 -0.78
N LEU A 208 -6.76 26.22 -1.30
CA LEU A 208 -5.57 26.99 -0.92
C LEU A 208 -5.62 27.45 0.53
N SER A 209 -6.78 27.91 1.01
CA SER A 209 -6.84 28.39 2.39
C SER A 209 -6.74 27.22 3.38
N HIS A 210 -7.35 26.08 3.04
CA HIS A 210 -7.20 24.88 3.86
C HIS A 210 -5.74 24.44 3.89
N ILE A 211 -5.07 24.48 2.74
CA ILE A 211 -3.63 24.18 2.70
C ILE A 211 -2.84 25.15 3.55
N HIS A 212 -3.22 26.43 3.52
CA HIS A 212 -2.50 27.46 4.27
C HIS A 212 -2.61 27.21 5.77
N ARG A 213 -3.84 27.02 6.27
CA ARG A 213 -3.98 26.88 7.71
C ARG A 213 -3.45 25.55 8.23
N LEU A 214 -3.19 24.57 7.36
CA LEU A 214 -2.58 23.31 7.77
C LEU A 214 -1.09 23.23 7.45
N GLN A 215 -0.45 24.38 7.19
CA GLN A 215 0.95 24.42 6.77
C GLN A 215 1.84 23.63 7.72
N ASN A 216 1.71 23.88 9.02
CA ASN A 216 2.61 23.30 10.01
C ASN A 216 2.49 21.79 10.14
N LEU A 217 1.46 21.19 9.56
CA LEU A 217 1.25 19.76 9.64
C LEU A 217 1.45 19.04 8.32
N THR A 218 1.58 19.78 7.22
CA THR A 218 1.63 19.19 5.89
C THR A 218 3.08 18.89 5.50
N ILE A 219 3.28 17.74 4.87
CA ILE A 219 4.57 17.42 4.26
C ILE A 219 4.44 17.47 2.75
N ASP A 220 5.54 17.83 2.10
CA ASP A 220 5.71 17.69 0.67
C ASP A 220 6.35 16.33 0.38
N ILE A 221 5.77 15.59 -0.57
CA ILE A 221 6.32 14.35 -1.07
C ILE A 221 6.61 14.55 -2.55
N LEU A 222 7.83 14.26 -2.96
CA LEU A 222 8.19 14.26 -4.37
C LEU A 222 8.20 12.81 -4.84
N VAL A 223 7.33 12.48 -5.80
CA VAL A 223 7.31 11.17 -6.42
C VAL A 223 7.97 11.29 -7.78
N TYR A 224 8.55 10.19 -8.26
CA TYR A 224 9.34 10.21 -9.49
C TYR A 224 8.87 9.12 -10.43
N ASP A 225 9.15 9.33 -11.72
CA ASP A 225 9.11 8.30 -12.77
C ASP A 225 7.73 7.68 -12.82
N ASN A 226 7.59 6.36 -12.68
CA ASN A 226 6.30 5.69 -12.85
C ASN A 226 5.26 6.17 -11.85
N HIS A 227 5.67 6.74 -10.72
CA HIS A 227 4.69 7.22 -9.75
C HIS A 227 3.99 8.47 -10.21
N VAL A 228 4.59 9.22 -11.15
CA VAL A 228 4.06 10.52 -11.53
C VAL A 228 2.64 10.37 -12.08
N HIS A 229 2.49 9.57 -13.13
CA HIS A 229 1.17 9.23 -13.67
C HIS A 229 0.19 8.94 -12.54
N VAL A 230 0.58 8.07 -11.61
CA VAL A 230 -0.35 7.69 -10.54
C VAL A 230 -0.69 8.91 -9.70
N ALA A 231 0.32 9.66 -9.28
CA ALA A 231 0.08 10.85 -8.47
C ALA A 231 -0.81 11.83 -9.21
N ARG A 232 -0.71 11.89 -10.53
CA ARG A 232 -1.49 12.85 -11.30
C ARG A 232 -2.97 12.51 -11.27
N SER A 233 -3.31 11.23 -11.09
CA SER A 233 -4.71 10.80 -11.12
C SER A 233 -5.40 10.94 -9.78
N LEU A 234 -4.66 11.19 -8.70
CA LEU A 234 -5.24 11.17 -7.36
C LEU A 234 -6.20 12.33 -7.15
N LYS A 235 -7.23 12.08 -6.34
CA LYS A 235 -8.24 13.07 -6.02
C LYS A 235 -7.88 13.75 -4.70
N VAL A 236 -7.85 15.08 -4.71
CA VAL A 236 -7.57 15.83 -3.49
C VAL A 236 -8.64 15.52 -2.45
N GLY A 237 -8.19 15.19 -1.24
CA GLY A 237 -9.08 14.85 -0.14
C GLY A 237 -9.20 13.36 0.11
N SER A 238 -8.81 12.54 -0.87
CA SER A 238 -8.85 11.10 -0.69
C SER A 238 -7.75 10.66 0.27
N PHE A 239 -7.89 9.44 0.78
CA PHE A 239 -6.98 8.89 1.75
C PHE A 239 -6.05 7.89 1.06
N LEU A 240 -4.77 7.97 1.38
CA LEU A 240 -3.74 7.24 0.65
C LEU A 240 -2.86 6.47 1.63
N ARG A 241 -2.31 5.36 1.14
CA ARG A 241 -1.15 4.74 1.75
C ARG A 241 -0.02 4.79 0.73
N ILE A 242 1.11 5.34 1.16
CA ILE A 242 2.28 5.52 0.32
C ILE A 242 3.36 4.62 0.88
N TYR A 243 3.81 3.66 0.09
CA TYR A 243 4.67 2.58 0.57
C TYR A 243 6.13 2.89 0.28
N SER A 244 6.99 2.58 1.25
CA SER A 244 8.43 2.72 1.13
C SER A 244 8.80 4.15 0.71
N LEU A 245 8.11 5.11 1.31
CA LEU A 245 8.53 6.50 1.27
C LEU A 245 9.87 6.66 1.99
N HIS A 246 10.73 7.51 1.44
CA HIS A 246 12.10 7.67 1.92
C HIS A 246 12.29 9.05 2.53
N THR A 247 12.71 9.10 3.79
CA THR A 247 12.95 10.36 4.48
C THR A 247 14.43 10.67 4.53
N LYS A 248 14.78 11.94 4.30
CA LYS A 248 16.17 12.35 4.29
C LYS A 248 16.29 13.70 4.99
N LEU A 249 17.17 13.77 6.00
CA LEU A 249 17.33 15.00 6.77
C LEU A 249 18.37 15.87 6.07
N GLN A 250 17.90 16.88 5.34
CA GLN A 250 18.78 17.80 4.67
C GLN A 250 19.27 18.89 5.62
N SER A 251 20.55 19.20 5.51
CA SER A 251 21.19 20.27 6.28
C SER A 251 21.68 21.33 5.29
N MET A 252 20.89 22.39 5.12
CA MET A 252 21.23 23.51 4.26
C MET A 252 21.85 24.60 5.13
N ASN A 253 23.15 24.81 4.98
CA ASN A 253 23.90 25.77 5.78
C ASN A 253 24.49 26.84 4.88
N SER A 254 24.07 28.09 5.09
CA SER A 254 24.67 29.23 4.40
C SER A 254 25.80 29.77 5.27
N GLU A 255 26.23 31.02 5.01
CA GLU A 255 27.44 31.53 5.63
C GLU A 255 27.37 31.50 7.16
N ASN A 256 26.26 31.95 7.73
CA ASN A 256 26.13 32.03 9.19
C ASN A 256 24.77 31.52 9.63
N GLN A 257 24.33 30.40 9.06
CA GLN A 257 23.02 29.85 9.39
C GLN A 257 22.95 28.39 8.96
N THR A 258 22.49 27.53 9.86
CA THR A 258 22.19 26.14 9.52
C THR A 258 20.67 25.94 9.53
N MET A 259 20.24 24.86 8.90
CA MET A 259 18.81 24.60 8.76
C MET A 259 18.59 23.12 8.47
N LEU A 260 17.74 22.47 9.26
CA LEU A 260 17.46 21.05 9.15
C LEU A 260 16.04 20.87 8.66
N SER A 261 15.88 20.18 7.54
CA SER A 261 14.56 19.87 7.02
C SER A 261 14.45 18.38 6.74
N LEU A 262 13.21 17.90 6.66
CA LEU A 262 12.93 16.53 6.29
C LEU A 262 12.39 16.51 4.86
N GLU A 263 13.09 15.80 3.99
CA GLU A 263 12.64 15.55 2.63
C GLU A 263 11.97 14.19 2.56
N PHE A 264 10.95 14.09 1.71
CA PHE A 264 10.21 12.85 1.50
C PHE A 264 10.20 12.55 0.01
N HIS A 265 10.80 11.42 -0.37
CA HIS A 265 10.93 11.01 -1.77
C HIS A 265 10.25 9.68 -1.99
N LEU A 266 9.49 9.56 -3.07
CA LEU A 266 8.98 8.27 -3.53
C LEU A 266 9.73 7.95 -4.82
N HIS A 267 10.85 7.26 -4.69
CA HIS A 267 11.75 7.04 -5.81
C HIS A 267 11.13 6.10 -6.84
N GLY A 268 11.64 6.19 -8.07
CA GLY A 268 11.08 5.42 -9.16
C GLY A 268 11.36 3.93 -9.02
N GLY A 269 10.53 3.13 -9.69
CA GLY A 269 10.60 1.69 -9.60
C GLY A 269 9.56 1.14 -8.64
N THR A 270 9.62 -0.18 -8.44
CA THR A 270 8.58 -0.88 -7.68
C THR A 270 9.12 -1.78 -6.58
N SER A 271 10.43 -1.83 -6.36
CA SER A 271 10.97 -2.71 -5.32
C SER A 271 10.59 -2.20 -3.93
N TYR A 272 10.46 -3.15 -3.00
CA TYR A 272 10.01 -2.91 -1.63
C TYR A 272 8.61 -2.32 -1.57
N GLY A 273 7.83 -2.50 -2.64
CA GLY A 273 6.45 -2.06 -2.65
C GLY A 273 6.24 -0.58 -2.88
N ARG A 274 7.29 0.17 -3.26
CA ARG A 274 7.15 1.59 -3.54
C ARG A 274 5.96 1.84 -4.46
N GLY A 275 5.05 2.66 -4.00
CA GLY A 275 3.82 2.90 -4.74
C GLY A 275 2.81 3.55 -3.85
N ILE A 276 1.61 3.72 -4.42
CA ILE A 276 0.53 4.43 -3.77
C ILE A 276 -0.74 3.62 -3.95
N ARG A 277 -1.52 3.47 -2.88
CA ARG A 277 -2.87 2.94 -3.02
C ARG A 277 -3.86 3.85 -2.31
N VAL A 278 -5.00 4.08 -2.97
CA VAL A 278 -6.12 4.79 -2.36
C VAL A 278 -6.83 3.85 -1.40
N LEU A 279 -7.00 4.28 -0.16
CA LEU A 279 -7.74 3.55 0.85
C LEU A 279 -9.18 4.03 0.90
N PRO A 280 -10.15 3.12 0.97
CA PRO A 280 -11.54 3.52 1.08
C PRO A 280 -11.88 3.95 2.50
N GLU A 281 -12.93 4.74 2.62
CA GLU A 281 -13.33 5.22 3.94
C GLU A 281 -13.82 4.10 4.84
N SER A 282 -14.18 2.95 4.27
CA SER A 282 -14.57 1.78 5.05
C SER A 282 -13.37 1.08 5.69
N ASN A 283 -12.16 1.55 5.41
CA ASN A 283 -10.96 0.98 6.00
C ASN A 283 -10.76 1.52 7.41
N SER A 284 -10.39 0.64 8.35
CA SER A 284 -10.34 1.02 9.75
C SER A 284 -9.18 1.97 10.06
N ASP A 285 -8.04 1.76 9.39
CA ASP A 285 -6.94 2.71 9.52
C ASP A 285 -7.37 4.11 9.09
N VAL A 286 -8.28 4.19 8.12
CA VAL A 286 -8.82 5.49 7.74
C VAL A 286 -9.68 6.07 8.86
N ASP A 287 -10.42 5.23 9.59
CA ASP A 287 -11.21 5.72 10.72
C ASP A 287 -10.30 6.36 11.79
N GLN A 288 -9.25 5.65 12.18
CA GLN A 288 -8.33 6.22 13.16
C GLN A 288 -7.66 7.50 12.63
N LEU A 289 -7.20 7.46 11.37
CA LEU A 289 -6.63 8.65 10.76
C LEU A 289 -7.59 9.82 10.80
N LYS A 290 -8.87 9.56 10.53
CA LYS A 290 -9.89 10.61 10.55
C LYS A 290 -9.98 11.25 11.92
N LYS A 291 -9.97 10.43 12.98
CA LYS A 291 -9.99 11.00 14.33
C LYS A 291 -8.83 11.97 14.53
N ASP A 292 -7.62 11.53 14.16
CA ASP A 292 -6.46 12.41 14.28
C ASP A 292 -6.62 13.68 13.46
N LEU A 293 -7.12 13.56 12.23
CA LEU A 293 -7.27 14.71 11.35
C LEU A 293 -8.27 15.70 11.92
N GLU A 294 -9.37 15.21 12.52
CA GLU A 294 -10.38 16.10 13.06
C GLU A 294 -9.84 16.90 14.24
N SER A 295 -9.14 16.24 15.17
CA SER A 295 -8.60 17.00 16.30
C SER A 295 -7.52 17.98 15.84
N ALA A 296 -6.66 17.55 14.91
CA ALA A 296 -5.59 18.42 14.44
C ALA A 296 -6.14 19.62 13.67
N ASN A 297 -7.18 19.42 12.86
CA ASN A 297 -7.79 20.54 12.16
C ASN A 297 -8.51 21.47 13.13
N LEU A 298 -9.04 20.92 14.24
CA LEU A 298 -9.62 21.78 15.25
C LEU A 298 -8.57 22.74 15.82
N THR A 299 -7.42 22.21 16.23
CA THR A 299 -6.46 23.05 16.93
C THR A 299 -5.46 23.75 16.01
N ALA A 300 -5.50 23.51 14.71
CA ALA A 300 -4.51 24.09 13.80
C ALA A 300 -4.65 25.60 13.70
#